data_6N7Y
#
_entry.id   6N7Y
#
_cell.length_a   111.240
_cell.length_b   111.240
_cell.length_c   77.300
_cell.angle_alpha   90.00
_cell.angle_beta   90.00
_cell.angle_gamma   90.00
#
_symmetry.space_group_name_H-M   'P 41 21 2'
#
loop_
_entity.id
_entity.type
_entity.pdbx_description
1 polymer 'Farnesyl pyrophosphate synthase'
2 non-polymer GLYCEROL
3 non-polymer '[(1R)-1-{[6-(4-methylphenyl)thieno[2,3-d]pyrimidin-4-yl]amino}-2-phenylethyl]phosphonic acid'
4 non-polymer 'PHOSPHATE ION'
5 water water
#
_entity_poly.entity_id   1
_entity_poly.type   'polypeptide(L)'
_entity_poly.pdbx_seq_one_letter_code
;MGSSHHHHHHSSGRENLYFQGHMNGDQNSDVYAQEKQDFVQHFSQIVRVLTEDEMGHPEIGDAIARLKEVLEYNAIGGKY
NRGLTVVVAFRELVEPRKQDADSLQRAWTVGWCVELLQAFFLVADDIMDSSLTRRGQICWYQKPGVGLDAINDANLLEAC
IYRLLKLYCREQPYYLNLIELFLQSSYQTEIGQTLDLLTAPQGNVDLVRFTEKRYKSIVKYKTAFYSFYLPIAAAMYMAG
IDGEKEHANAKKILLEMGEFFQIQDDYLDLFGDPSVTGKIGTDIQDNKCSWLVVQCLQRATPEQYQILKENYGQKEAEKV
ARVKALYEELDLPAVFLQYEEDSYSHIMALIEQYAAPLPPAVFLGLARKIYKRRK
;
_entity_poly.pdbx_strand_id   F
#
loop_
_chem_comp.id
_chem_comp.type
_chem_comp.name
_chem_comp.formula
GOL non-polymer GLYCEROL 'C3 H8 O3'
KFA non-polymer '[(1R)-1-{[6-(4-methylphenyl)thieno[2,3-d]pyrimidin-4-yl]amino}-2-phenylethyl]phosphonic acid' 'C21 H20 N3 O3 P S'
PO4 non-polymer 'PHOSPHATE ION' 'O4 P -3'
#
# COMPACT_ATOMS: atom_id res chain seq x y z
N TYR A 32 -15.55 -1.39 13.47
CA TYR A 32 -14.80 -0.55 12.45
C TYR A 32 -13.44 -0.19 13.06
N ALA A 33 -13.50 0.42 14.26
CA ALA A 33 -12.43 1.15 15.01
C ALA A 33 -12.04 0.48 16.34
N GLN A 34 -12.85 -0.48 16.86
CA GLN A 34 -12.46 -1.19 18.11
C GLN A 34 -11.57 -2.36 17.73
N GLU A 35 -11.93 -3.05 16.62
CA GLU A 35 -11.08 -4.09 15.92
C GLU A 35 -9.66 -3.55 15.72
N LYS A 36 -9.56 -2.24 15.45
CA LYS A 36 -8.30 -1.57 15.28
C LYS A 36 -7.43 -1.60 16.56
N GLN A 37 -7.99 -1.19 17.71
CA GLN A 37 -7.26 -1.14 18.98
C GLN A 37 -6.70 -2.55 19.28
N ASP A 38 -7.53 -3.59 19.10
CA ASP A 38 -7.09 -4.99 19.30
C ASP A 38 -5.85 -5.21 18.38
N PHE A 39 -5.97 -4.83 17.09
CA PHE A 39 -4.89 -5.02 16.10
C PHE A 39 -3.59 -4.36 16.60
N VAL A 40 -3.69 -3.07 16.97
CA VAL A 40 -2.54 -2.33 17.46
C VAL A 40 -2.01 -2.92 18.78
N GLN A 41 -2.89 -3.48 19.61
CA GLN A 41 -2.46 -4.06 20.89
C GLN A 41 -1.68 -5.36 20.74
N HIS A 42 -1.94 -6.12 19.65
N HIS A 42 -1.94 -6.07 19.63
CA HIS A 42 -1.19 -7.39 19.41
CA HIS A 42 -1.28 -7.33 19.38
C HIS A 42 0.30 -7.07 19.12
C HIS A 42 0.22 -7.09 19.04
N PHE A 43 0.55 -5.81 18.68
CA PHE A 43 1.88 -5.39 18.13
C PHE A 43 2.96 -5.74 19.15
N SER A 44 2.62 -5.48 20.40
CA SER A 44 3.50 -5.70 21.51
C SER A 44 4.02 -7.16 21.59
N GLN A 45 3.09 -8.09 21.31
CA GLN A 45 3.39 -9.51 21.29
C GLN A 45 4.32 -9.84 20.10
N ILE A 46 3.96 -9.38 18.90
CA ILE A 46 4.79 -9.47 17.68
C ILE A 46 6.25 -9.08 18.02
N VAL A 47 6.45 -7.96 18.70
CA VAL A 47 7.79 -7.47 18.93
C VAL A 47 8.50 -8.40 19.93
N ARG A 48 7.79 -8.86 20.94
CA ARG A 48 8.31 -9.76 21.97
C ARG A 48 8.82 -11.04 21.31
N VAL A 49 8.01 -11.68 20.44
CA VAL A 49 8.39 -12.99 19.88
C VAL A 49 9.55 -12.82 18.88
N LEU A 50 9.62 -11.68 18.19
CA LEU A 50 10.64 -11.43 17.25
C LEU A 50 11.94 -11.05 17.94
N THR A 51 11.93 -10.70 19.22
CA THR A 51 13.09 -10.10 19.80
C THR A 51 13.53 -10.87 21.02
N GLU A 52 13.38 -12.21 21.02
CA GLU A 52 14.27 -13.07 21.88
C GLU A 52 15.74 -12.91 21.44
N GLY A 56 17.53 -17.10 22.40
CA GLY A 56 18.42 -17.92 23.21
C GLY A 56 19.92 -17.63 23.01
N HIS A 57 20.27 -16.76 22.05
CA HIS A 57 21.71 -16.56 21.59
C HIS A 57 22.31 -15.25 22.15
N PRO A 58 23.28 -15.33 23.10
N PRO A 58 23.37 -15.31 23.00
CA PRO A 58 23.79 -14.14 23.79
CA PRO A 58 23.79 -14.15 23.78
C PRO A 58 24.21 -12.96 22.90
C PRO A 58 24.54 -13.08 22.97
N GLU A 59 25.39 -13.06 22.27
N GLU A 59 25.21 -13.52 21.90
CA GLU A 59 26.09 -11.91 21.66
CA GLU A 59 26.23 -12.74 21.20
C GLU A 59 25.43 -11.41 20.36
C GLU A 59 25.57 -11.71 20.25
N ILE A 60 24.30 -11.97 19.88
CA ILE A 60 23.55 -11.23 18.89
C ILE A 60 22.57 -10.24 19.57
N GLY A 61 22.60 -10.11 20.90
CA GLY A 61 21.75 -9.20 21.66
C GLY A 61 21.68 -7.81 21.03
N ASP A 62 22.83 -7.21 20.79
CA ASP A 62 22.92 -5.87 20.28
C ASP A 62 22.14 -5.77 18.97
N ALA A 63 22.24 -6.79 18.11
CA ALA A 63 21.55 -6.68 16.83
C ALA A 63 20.03 -6.76 17.03
N ILE A 64 19.63 -7.60 17.98
CA ILE A 64 18.21 -7.83 18.25
C ILE A 64 17.58 -6.59 18.89
N ALA A 65 18.36 -5.92 19.74
CA ALA A 65 17.96 -4.57 20.27
C ALA A 65 17.71 -3.59 19.11
N ARG A 66 18.58 -3.60 18.09
CA ARG A 66 18.39 -2.70 16.96
C ARG A 66 17.15 -3.12 16.19
N LEU A 67 16.95 -4.43 16.02
CA LEU A 67 15.77 -4.86 15.31
C LEU A 67 14.49 -4.32 16.00
N LYS A 68 14.47 -4.37 17.31
CA LYS A 68 13.32 -3.84 18.04
C LYS A 68 13.06 -2.33 17.72
N GLU A 69 14.10 -1.49 17.73
CA GLU A 69 14.00 -0.07 17.44
C GLU A 69 13.48 0.11 16.01
N VAL A 70 13.93 -0.74 15.08
CA VAL A 70 13.51 -0.66 13.67
C VAL A 70 12.00 -0.97 13.57
N LEU A 71 11.56 -1.98 14.32
CA LEU A 71 10.10 -2.40 14.33
C LEU A 71 9.24 -1.29 14.88
N GLU A 72 9.64 -0.75 16.03
CA GLU A 72 8.84 0.27 16.70
C GLU A 72 8.77 1.58 15.94
N TYR A 73 9.85 2.00 15.25
CA TYR A 73 9.84 3.23 14.52
C TYR A 73 9.03 3.12 13.22
N ASN A 74 9.17 2.01 12.52
CA ASN A 74 8.74 1.87 11.14
C ASN A 74 7.39 1.16 10.99
N ALA A 75 7.02 0.27 11.92
CA ALA A 75 5.78 -0.53 11.72
C ALA A 75 4.56 0.14 12.38
N ILE A 76 4.82 1.11 13.26
CA ILE A 76 3.82 1.82 14.01
C ILE A 76 3.63 3.19 13.39
N GLY A 77 2.41 3.69 13.46
CA GLY A 77 2.11 5.09 13.19
C GLY A 77 1.33 5.31 11.89
N GLY A 78 0.99 4.24 11.16
CA GLY A 78 0.07 4.36 10.00
C GLY A 78 -1.39 4.27 10.42
N LYS A 79 -2.29 3.93 9.49
CA LYS A 79 -3.71 3.72 9.77
C LYS A 79 -4.04 2.21 9.92
N TYR A 80 -3.16 1.32 9.45
CA TYR A 80 -3.24 -0.14 9.64
C TYR A 80 -4.37 -0.73 8.79
N ASN A 81 -4.84 -0.01 7.77
CA ASN A 81 -5.93 -0.50 6.94
C ASN A 81 -5.60 -1.86 6.26
N ARG A 82 -4.37 -2.04 5.76
CA ARG A 82 -4.04 -3.23 4.99
C ARG A 82 -4.02 -4.45 5.90
N GLY A 83 -3.38 -4.33 7.04
CA GLY A 83 -3.30 -5.38 8.00
C GLY A 83 -4.65 -5.70 8.60
N LEU A 84 -5.41 -4.65 8.86
CA LEU A 84 -6.71 -4.83 9.46
C LEU A 84 -7.63 -5.59 8.49
N THR A 85 -7.43 -5.40 7.17
CA THR A 85 -8.28 -6.01 6.19
C THR A 85 -8.17 -7.54 6.33
N VAL A 86 -6.97 -7.98 6.68
CA VAL A 86 -6.76 -9.39 6.85
C VAL A 86 -7.70 -9.92 7.92
N VAL A 87 -7.76 -9.22 9.04
CA VAL A 87 -8.54 -9.66 10.22
C VAL A 87 -10.03 -9.59 9.89
N VAL A 88 -10.46 -8.46 9.30
CA VAL A 88 -11.87 -8.28 8.98
C VAL A 88 -12.31 -9.35 7.97
N ALA A 89 -11.52 -9.54 6.90
CA ALA A 89 -11.92 -10.49 5.90
C ALA A 89 -11.90 -11.91 6.53
N PHE A 90 -10.90 -12.19 7.35
CA PHE A 90 -10.87 -13.48 7.90
C PHE A 90 -12.18 -13.77 8.66
N ARG A 91 -12.66 -12.82 9.48
CA ARG A 91 -13.84 -13.04 10.26
C ARG A 91 -15.06 -13.21 9.36
N GLU A 92 -15.09 -12.54 8.20
CA GLU A 92 -16.30 -12.59 7.38
C GLU A 92 -16.32 -13.92 6.61
N LEU A 93 -15.16 -14.56 6.46
CA LEU A 93 -15.01 -15.73 5.63
C LEU A 93 -15.19 -17.01 6.46
N VAL A 94 -14.66 -17.04 7.68
CA VAL A 94 -14.62 -18.22 8.49
C VAL A 94 -15.92 -18.38 9.30
N GLU A 95 -16.54 -19.56 9.24
CA GLU A 95 -17.67 -19.88 10.17
C GLU A 95 -17.26 -19.58 11.62
N PRO A 96 -18.08 -18.90 12.44
CA PRO A 96 -17.68 -18.54 13.81
C PRO A 96 -17.12 -19.72 14.65
N ARG A 97 -17.57 -20.93 14.35
CA ARG A 97 -17.23 -22.15 15.10
C ARG A 97 -15.84 -22.66 14.68
N LYS A 98 -15.08 -21.93 13.86
CA LYS A 98 -13.64 -22.24 13.67
C LYS A 98 -12.79 -20.99 13.93
N GLN A 99 -13.26 -20.14 14.87
CA GLN A 99 -12.55 -18.90 15.27
C GLN A 99 -12.15 -19.01 16.76
N ASP A 100 -11.37 -20.05 17.11
CA ASP A 100 -10.78 -20.16 18.45
C ASP A 100 -9.68 -19.11 18.62
N ALA A 101 -9.21 -18.94 19.86
CA ALA A 101 -8.25 -17.88 20.22
C ALA A 101 -6.98 -17.98 19.35
N ASP A 102 -6.56 -19.19 19.03
CA ASP A 102 -5.36 -19.41 18.26
C ASP A 102 -5.56 -18.98 16.81
N SER A 103 -6.78 -19.16 16.26
CA SER A 103 -7.07 -18.78 14.88
C SER A 103 -7.04 -17.26 14.72
N LEU A 104 -7.66 -16.57 15.66
CA LEU A 104 -7.69 -15.14 15.66
C LEU A 104 -6.26 -14.62 15.78
N GLN A 105 -5.47 -15.25 16.65
CA GLN A 105 -4.07 -14.83 16.84
C GLN A 105 -3.27 -14.94 15.52
N ARG A 106 -3.50 -16.02 14.75
CA ARG A 106 -2.84 -16.16 13.46
C ARG A 106 -3.28 -15.04 12.54
N ALA A 107 -4.59 -14.71 12.57
CA ALA A 107 -5.13 -13.62 11.74
C ALA A 107 -4.45 -12.28 12.05
N TRP A 108 -4.36 -11.93 13.34
N TRP A 108 -4.35 -11.92 13.34
CA TRP A 108 -3.65 -10.71 13.83
CA TRP A 108 -3.67 -10.69 13.78
C TRP A 108 -2.20 -10.72 13.33
C TRP A 108 -2.20 -10.71 13.34
N THR A 109 -1.54 -11.86 13.49
CA THR A 109 -0.13 -11.99 13.13
C THR A 109 0.05 -11.78 11.62
N VAL A 110 -0.85 -12.38 10.84
CA VAL A 110 -0.69 -12.25 9.35
C VAL A 110 -1.01 -10.82 8.91
N GLY A 111 -2.00 -10.20 9.53
CA GLY A 111 -2.26 -8.77 9.32
C GLY A 111 -0.99 -7.96 9.60
N TRP A 112 -0.31 -8.25 10.72
CA TRP A 112 0.94 -7.56 11.03
C TRP A 112 2.03 -7.83 9.96
N CYS A 113 1.98 -9.01 9.32
CA CYS A 113 2.92 -9.35 8.26
C CYS A 113 2.70 -8.46 7.06
N VAL A 114 1.44 -8.12 6.78
CA VAL A 114 1.17 -7.18 5.73
C VAL A 114 1.78 -5.81 6.09
N GLU A 115 1.63 -5.42 7.35
CA GLU A 115 2.13 -4.12 7.79
C GLU A 115 3.66 -4.13 7.73
N LEU A 116 4.29 -5.26 8.07
CA LEU A 116 5.78 -5.34 7.95
C LEU A 116 6.26 -5.26 6.50
N LEU A 117 5.53 -5.86 5.59
CA LEU A 117 5.85 -5.78 4.23
C LEU A 117 5.80 -4.31 3.78
N GLN A 118 4.70 -3.64 4.13
CA GLN A 118 4.56 -2.26 3.78
C GLN A 118 5.74 -1.46 4.34
N ALA A 119 6.11 -1.73 5.59
CA ALA A 119 7.17 -0.97 6.25
C ALA A 119 8.53 -1.17 5.53
N PHE A 120 8.80 -2.40 5.08
CA PHE A 120 9.98 -2.73 4.24
C PHE A 120 10.01 -1.79 3.02
N PHE A 121 8.91 -1.77 2.28
CA PHE A 121 8.81 -0.96 1.08
C PHE A 121 9.01 0.53 1.38
N LEU A 122 8.41 1.03 2.46
CA LEU A 122 8.44 2.47 2.70
C LEU A 122 9.84 2.91 3.09
N VAL A 123 10.46 2.14 3.96
CA VAL A 123 11.74 2.55 4.43
C VAL A 123 12.68 2.63 3.23
N ALA A 124 12.63 1.63 2.35
CA ALA A 124 13.49 1.57 1.18
C ALA A 124 13.13 2.66 0.20
N ASP A 125 11.84 2.87 -0.05
CA ASP A 125 11.39 3.91 -0.97
C ASP A 125 11.76 5.33 -0.56
N ASP A 126 11.71 5.61 0.73
CA ASP A 126 12.09 6.92 1.26
C ASP A 126 13.58 7.21 1.01
N ILE A 127 14.45 6.19 1.14
CA ILE A 127 15.88 6.34 0.77
C ILE A 127 16.02 6.66 -0.71
N MET A 128 15.42 5.83 -1.56
CA MET A 128 15.51 6.00 -3.01
C MET A 128 14.96 7.35 -3.49
N ASP A 129 13.90 7.87 -2.90
CA ASP A 129 13.27 9.15 -3.31
C ASP A 129 13.91 10.37 -2.65
N SER A 130 14.81 10.15 -1.69
CA SER A 130 15.34 11.20 -0.85
C SER A 130 14.20 11.93 -0.07
N SER A 131 13.24 11.22 0.50
CA SER A 131 12.26 11.92 1.28
C SER A 131 12.85 12.37 2.63
N LEU A 132 12.17 13.36 3.22
CA LEU A 132 12.49 13.94 4.53
C LEU A 132 11.65 13.22 5.62
N THR A 133 10.33 13.20 5.40
CA THR A 133 9.39 12.73 6.39
C THR A 133 8.46 11.66 5.74
N ARG A 134 7.82 10.98 6.66
CA ARG A 134 6.81 9.97 6.42
C ARG A 134 5.91 9.89 7.67
N ARG A 135 4.58 9.92 7.50
CA ARG A 135 3.67 9.62 8.65
C ARG A 135 3.88 10.77 9.65
N GLY A 136 4.14 11.99 9.11
CA GLY A 136 4.51 13.20 9.84
C GLY A 136 5.83 13.18 10.64
N GLN A 137 6.64 12.13 10.52
CA GLN A 137 7.79 11.81 11.39
C GLN A 137 9.04 11.85 10.47
N ILE A 138 10.20 12.20 10.99
CA ILE A 138 11.43 12.12 10.18
C ILE A 138 11.58 10.68 9.63
N CYS A 139 11.87 10.55 8.34
CA CYS A 139 12.23 9.22 7.74
C CYS A 139 13.38 8.54 8.50
N TRP A 140 13.19 7.24 8.71
CA TRP A 140 14.11 6.42 9.48
C TRP A 140 15.56 6.71 9.01
N TYR A 141 15.84 6.68 7.70
CA TYR A 141 17.23 6.79 7.18
C TYR A 141 17.79 8.19 7.48
N GLN A 142 16.92 9.20 7.66
CA GLN A 142 17.32 10.57 7.94
C GLN A 142 17.71 10.77 9.41
N LYS A 143 17.46 9.77 10.25
CA LYS A 143 17.84 9.88 11.66
C LYS A 143 19.35 9.84 11.78
N PRO A 144 19.89 10.70 12.67
CA PRO A 144 21.32 10.74 12.97
C PRO A 144 21.82 9.35 13.33
N GLY A 145 22.88 8.90 12.66
CA GLY A 145 23.41 7.57 12.99
C GLY A 145 22.73 6.42 12.27
N VAL A 146 21.69 6.64 11.47
CA VAL A 146 21.10 5.56 10.65
C VAL A 146 21.65 5.62 9.21
N GLY A 147 21.22 6.60 8.42
CA GLY A 147 21.64 6.75 7.06
C GLY A 147 21.40 5.49 6.25
N LEU A 148 22.41 5.10 5.48
CA LEU A 148 22.25 4.02 4.54
C LEU A 148 22.25 2.64 5.22
N ASP A 149 22.53 2.57 6.50
CA ASP A 149 22.28 1.38 7.28
C ASP A 149 20.78 1.01 7.26
N ALA A 150 19.91 1.98 6.94
CA ALA A 150 18.49 1.69 6.76
C ALA A 150 18.23 0.63 5.70
N ILE A 151 19.18 0.45 4.76
CA ILE A 151 18.99 -0.57 3.75
C ILE A 151 18.91 -1.96 4.40
N ASN A 152 19.84 -2.25 5.32
CA ASN A 152 19.79 -3.51 6.02
C ASN A 152 18.54 -3.56 6.95
N ASP A 153 18.21 -2.41 7.58
CA ASP A 153 16.98 -2.35 8.46
C ASP A 153 15.73 -2.79 7.70
N ALA A 154 15.62 -2.31 6.46
CA ALA A 154 14.52 -2.66 5.66
C ALA A 154 14.51 -4.15 5.35
N ASN A 155 15.66 -4.68 4.91
CA ASN A 155 15.75 -6.11 4.72
C ASN A 155 15.29 -6.89 5.98
N LEU A 156 15.69 -6.48 7.18
CA LEU A 156 15.26 -7.14 8.36
C LEU A 156 13.72 -7.13 8.51
N LEU A 157 13.09 -6.01 8.16
CA LEU A 157 11.63 -5.94 8.26
C LEU A 157 11.03 -7.01 7.35
N GLU A 158 11.56 -7.12 6.16
CA GLU A 158 11.12 -8.16 5.20
C GLU A 158 11.29 -9.56 5.84
N ALA A 159 12.46 -9.81 6.42
CA ALA A 159 12.71 -11.11 6.94
C ALA A 159 11.72 -11.50 8.08
N CYS A 160 11.32 -10.52 8.89
CA CYS A 160 10.44 -10.74 10.06
C CYS A 160 9.09 -11.33 9.60
N ILE A 161 8.68 -11.03 8.36
CA ILE A 161 7.47 -11.60 7.84
C ILE A 161 7.57 -13.11 7.98
N TYR A 162 8.70 -13.69 7.48
CA TYR A 162 8.78 -15.13 7.28
C TYR A 162 9.04 -15.75 8.64
N ARG A 163 9.72 -15.00 9.52
CA ARG A 163 9.89 -15.53 10.93
C ARG A 163 8.50 -15.71 11.61
N LEU A 164 7.61 -14.73 11.45
CA LEU A 164 6.27 -14.73 12.06
C LEU A 164 5.44 -15.85 11.44
N LEU A 165 5.49 -16.01 10.10
CA LEU A 165 4.71 -17.05 9.45
C LEU A 165 5.17 -18.41 9.95
N LYS A 166 6.48 -18.52 10.18
CA LYS A 166 6.92 -19.77 10.63
C LYS A 166 6.44 -20.04 12.06
N LEU A 167 6.69 -19.06 12.95
CA LEU A 167 6.38 -19.17 14.40
C LEU A 167 4.86 -19.45 14.64
N TYR A 168 3.95 -18.91 13.82
CA TYR A 168 2.54 -18.96 14.10
C TYR A 168 1.82 -19.92 13.15
N CYS A 169 2.31 -20.15 11.94
CA CYS A 169 1.49 -20.77 10.91
C CYS A 169 2.13 -22.06 10.35
N ARG A 170 3.30 -22.45 10.86
CA ARG A 170 4.04 -23.54 10.12
C ARG A 170 3.28 -24.87 10.09
N GLU A 171 2.39 -25.12 11.08
CA GLU A 171 1.69 -26.38 11.12
C GLU A 171 0.39 -26.33 10.32
N GLN A 172 0.05 -25.19 9.71
CA GLN A 172 -1.26 -25.00 9.12
C GLN A 172 -1.20 -25.43 7.66
N PRO A 173 -2.32 -25.88 7.05
CA PRO A 173 -2.26 -26.33 5.66
C PRO A 173 -2.01 -25.21 4.65
N TYR A 174 -2.20 -23.94 5.01
CA TYR A 174 -2.00 -22.84 4.10
C TYR A 174 -0.61 -22.20 4.22
N TYR A 175 0.28 -22.72 5.07
CA TYR A 175 1.61 -22.13 5.30
C TYR A 175 2.35 -21.79 3.98
N LEU A 176 2.53 -22.78 3.11
CA LEU A 176 3.29 -22.60 1.96
C LEU A 176 2.56 -21.56 1.09
N ASN A 177 1.24 -21.67 1.00
CA ASN A 177 0.44 -20.69 0.23
C ASN A 177 0.73 -19.25 0.73
N LEU A 178 0.81 -19.04 2.05
CA LEU A 178 1.05 -17.67 2.54
C LEU A 178 2.51 -17.25 2.23
N ILE A 179 3.47 -18.15 2.43
CA ILE A 179 4.86 -17.77 2.09
C ILE A 179 4.88 -17.29 0.62
N GLU A 180 4.34 -18.09 -0.29
CA GLU A 180 4.39 -17.81 -1.69
C GLU A 180 3.66 -16.48 -1.98
N LEU A 181 2.52 -16.25 -1.31
CA LEU A 181 1.76 -15.01 -1.57
C LEU A 181 2.57 -13.77 -1.15
N PHE A 182 3.24 -13.82 -0.02
CA PHE A 182 4.03 -12.70 0.41
C PHE A 182 5.25 -12.49 -0.54
N LEU A 183 5.90 -13.59 -0.98
CA LEU A 183 7.07 -13.49 -1.88
C LEU A 183 6.60 -12.91 -3.20
N GLN A 184 5.46 -13.37 -3.65
CA GLN A 184 4.99 -12.90 -4.92
C GLN A 184 4.57 -11.42 -4.86
N SER A 185 3.94 -11.03 -3.76
CA SER A 185 3.56 -9.64 -3.53
C SER A 185 4.79 -8.73 -3.50
N SER A 186 5.88 -9.15 -2.86
CA SER A 186 7.12 -8.44 -2.89
C SER A 186 7.68 -8.26 -4.29
N TYR A 187 7.74 -9.36 -5.06
CA TYR A 187 8.25 -9.31 -6.41
C TYR A 187 7.40 -8.30 -7.24
N GLN A 188 6.08 -8.40 -7.16
CA GLN A 188 5.20 -7.54 -8.00
C GLN A 188 5.44 -6.07 -7.65
N THR A 189 5.58 -5.80 -6.34
CA THR A 189 5.80 -4.43 -5.87
C THR A 189 7.17 -3.92 -6.35
N GLU A 190 8.22 -4.77 -6.30
CA GLU A 190 9.55 -4.36 -6.71
C GLU A 190 9.59 -4.07 -8.20
N ILE A 191 8.89 -4.87 -8.96
CA ILE A 191 8.80 -4.69 -10.40
C ILE A 191 8.08 -3.38 -10.76
N GLY A 192 7.04 -3.07 -10.01
CA GLY A 192 6.34 -1.83 -10.17
C GLY A 192 7.23 -0.68 -9.78
N GLN A 193 8.02 -0.86 -8.73
CA GLN A 193 8.99 0.17 -8.37
C GLN A 193 9.97 0.40 -9.51
N THR A 194 10.46 -0.67 -10.14
CA THR A 194 11.45 -0.54 -11.21
C THR A 194 10.80 0.32 -12.29
N LEU A 195 9.56 -0.03 -12.60
CA LEU A 195 8.80 0.63 -13.71
C LEU A 195 8.64 2.12 -13.36
N ASP A 196 8.43 2.38 -12.07
CA ASP A 196 8.25 3.72 -11.65
C ASP A 196 9.57 4.51 -11.81
N LEU A 197 10.66 3.95 -11.31
CA LEU A 197 12.01 4.56 -11.42
C LEU A 197 12.46 4.73 -12.88
N LEU A 198 12.13 3.82 -13.80
CA LEU A 198 12.50 4.06 -15.21
C LEU A 198 11.70 5.24 -15.79
N THR A 199 10.56 5.55 -15.20
CA THR A 199 9.56 6.43 -15.83
C THR A 199 9.87 7.85 -15.36
N ALA A 200 10.39 7.97 -14.12
CA ALA A 200 10.72 9.27 -13.48
C ALA A 200 12.20 9.37 -13.09
N PRO A 201 13.22 9.39 -13.99
CA PRO A 201 14.62 9.47 -13.54
C PRO A 201 14.99 10.68 -12.66
N ASN A 204 16.08 14.74 -14.99
CA ASN A 204 15.82 14.51 -16.40
C ASN A 204 14.70 13.47 -16.53
N VAL A 205 13.45 13.90 -16.24
CA VAL A 205 12.21 13.14 -16.54
C VAL A 205 11.43 13.83 -17.68
N ASP A 206 10.63 13.00 -18.34
CA ASP A 206 10.03 13.29 -19.58
C ASP A 206 8.59 12.79 -19.54
N LEU A 207 7.72 13.62 -20.06
CA LEU A 207 6.31 13.50 -19.94
C LEU A 207 5.77 12.63 -21.06
N VAL A 208 6.49 12.57 -22.18
CA VAL A 208 6.30 11.54 -23.21
C VAL A 208 6.11 10.16 -22.55
N ARG A 209 6.91 9.82 -21.55
CA ARG A 209 6.83 8.50 -20.95
C ARG A 209 5.51 8.28 -20.20
N PHE A 210 4.85 9.37 -19.77
CA PHE A 210 3.76 9.26 -18.77
C PHE A 210 2.41 9.03 -19.48
N THR A 211 2.20 7.84 -20.02
CA THR A 211 0.97 7.54 -20.68
C THR A 211 0.02 6.93 -19.63
N GLU A 212 -1.27 6.99 -19.92
CA GLU A 212 -2.32 6.24 -19.21
C GLU A 212 -1.92 4.77 -19.01
N LYS A 213 -1.37 4.13 -20.05
CA LYS A 213 -1.11 2.68 -20.01
C LYS A 213 0.02 2.36 -19.02
N ARG A 214 1.04 3.23 -19.00
N ARG A 214 1.03 3.23 -19.02
CA ARG A 214 2.19 3.03 -18.15
CA ARG A 214 2.21 3.11 -18.18
C ARG A 214 1.81 3.37 -16.71
C ARG A 214 1.81 3.37 -16.74
N TYR A 215 0.95 4.39 -16.55
CA TYR A 215 0.41 4.80 -15.21
C TYR A 215 -0.36 3.64 -14.56
N LYS A 216 -1.25 3.01 -15.31
CA LYS A 216 -2.10 1.93 -14.81
C LYS A 216 -1.22 0.75 -14.42
N SER A 217 -0.25 0.49 -15.28
CA SER A 217 0.72 -0.56 -15.08
C SER A 217 1.53 -0.31 -13.81
N ILE A 218 2.04 0.91 -13.62
CA ILE A 218 2.81 1.16 -12.31
C ILE A 218 1.88 0.90 -11.10
N VAL A 219 0.64 1.43 -11.16
CA VAL A 219 -0.30 1.33 -10.04
C VAL A 219 -0.61 -0.13 -9.76
N LYS A 220 -0.84 -0.91 -10.80
CA LYS A 220 -1.17 -2.32 -10.63
C LYS A 220 -0.09 -3.05 -9.87
N TYR A 221 1.17 -2.86 -10.30
CA TYR A 221 2.28 -3.66 -9.77
C TYR A 221 2.76 -3.07 -8.46
N LYS A 222 2.93 -1.75 -8.45
CA LYS A 222 3.59 -1.14 -7.28
C LYS A 222 2.66 -0.95 -6.06
N THR A 223 1.35 -0.75 -6.27
CA THR A 223 0.40 -0.44 -5.20
C THR A 223 -0.71 -1.50 -5.02
N ALA A 224 -1.43 -1.81 -6.10
CA ALA A 224 -2.72 -2.53 -6.03
C ALA A 224 -2.54 -3.97 -5.52
N PHE A 225 -1.50 -4.67 -5.99
N PHE A 225 -1.50 -4.65 -6.01
CA PHE A 225 -1.36 -6.11 -5.67
CA PHE A 225 -1.33 -6.05 -5.70
C PHE A 225 -1.19 -6.20 -4.15
C PHE A 225 -1.21 -6.16 -4.17
N TYR A 226 -0.26 -5.42 -3.59
CA TYR A 226 0.06 -5.62 -2.12
C TYR A 226 -1.01 -4.95 -1.24
N SER A 227 -1.67 -3.88 -1.72
CA SER A 227 -2.50 -3.12 -0.89
C SER A 227 -3.90 -3.76 -0.77
N PHE A 228 -4.40 -4.32 -1.87
CA PHE A 228 -5.76 -4.79 -2.06
C PHE A 228 -5.83 -6.31 -2.28
N TYR A 229 -4.99 -6.90 -3.14
CA TYR A 229 -5.08 -8.35 -3.39
C TYR A 229 -4.54 -9.12 -2.20
N LEU A 230 -3.33 -8.76 -1.77
CA LEU A 230 -2.59 -9.51 -0.74
C LEU A 230 -3.44 -9.73 0.52
N PRO A 231 -3.98 -8.70 1.19
CA PRO A 231 -4.66 -8.92 2.46
C PRO A 231 -5.89 -9.84 2.34
N ILE A 232 -6.73 -9.65 1.30
CA ILE A 232 -7.89 -10.51 1.09
C ILE A 232 -7.42 -11.92 0.73
N ALA A 233 -6.42 -12.04 -0.15
CA ALA A 233 -5.92 -13.38 -0.63
C ALA A 233 -5.41 -14.16 0.60
N ALA A 234 -4.78 -13.43 1.53
CA ALA A 234 -4.24 -14.07 2.75
C ALA A 234 -5.36 -14.65 3.61
N ALA A 235 -6.38 -13.83 3.87
CA ALA A 235 -7.56 -14.24 4.56
C ALA A 235 -8.21 -15.45 3.86
N MET A 236 -8.30 -15.38 2.54
CA MET A 236 -8.89 -16.42 1.81
C MET A 236 -8.14 -17.74 2.06
N TYR A 237 -6.80 -17.72 1.98
CA TYR A 237 -6.04 -18.97 2.22
C TYR A 237 -6.23 -19.45 3.65
N MET A 238 -6.23 -18.49 4.58
CA MET A 238 -6.39 -18.90 5.98
C MET A 238 -7.76 -19.56 6.17
N ALA A 239 -8.75 -19.15 5.37
CA ALA A 239 -10.08 -19.67 5.54
C ALA A 239 -10.21 -20.97 4.77
N GLY A 240 -9.15 -21.46 4.11
CA GLY A 240 -9.27 -22.69 3.35
C GLY A 240 -9.66 -22.46 1.90
N ILE A 241 -9.80 -21.22 1.47
CA ILE A 241 -10.19 -20.98 0.09
C ILE A 241 -8.91 -20.77 -0.75
N ASP A 242 -8.50 -21.82 -1.48
CA ASP A 242 -7.21 -21.83 -2.12
C ASP A 242 -7.32 -22.02 -3.63
N GLY A 243 -8.53 -22.11 -4.16
CA GLY A 243 -8.63 -22.35 -5.58
C GLY A 243 -8.09 -21.20 -6.40
N GLU A 244 -7.51 -21.56 -7.55
CA GLU A 244 -6.89 -20.57 -8.38
C GLU A 244 -7.96 -19.63 -8.94
N LYS A 245 -9.13 -20.18 -9.23
CA LYS A 245 -10.14 -19.43 -9.95
C LYS A 245 -10.78 -18.42 -9.01
N GLU A 246 -11.07 -18.86 -7.79
CA GLU A 246 -11.57 -17.95 -6.83
C GLU A 246 -10.54 -16.82 -6.60
N HIS A 247 -9.25 -17.15 -6.48
CA HIS A 247 -8.24 -16.15 -6.26
C HIS A 247 -8.24 -15.23 -7.47
N ALA A 248 -8.37 -15.78 -8.67
CA ALA A 248 -8.33 -14.94 -9.88
C ALA A 248 -9.52 -13.97 -9.88
N ASN A 249 -10.65 -14.46 -9.39
CA ASN A 249 -11.89 -13.69 -9.39
C ASN A 249 -11.78 -12.51 -8.39
N ALA A 250 -11.29 -12.81 -7.20
CA ALA A 250 -11.07 -11.80 -6.20
C ALA A 250 -10.07 -10.74 -6.70
N LYS A 251 -8.97 -11.21 -7.33
CA LYS A 251 -7.91 -10.38 -7.87
C LYS A 251 -8.53 -9.36 -8.85
N LYS A 252 -9.43 -9.81 -9.71
CA LYS A 252 -9.98 -8.90 -10.71
C LYS A 252 -10.69 -7.73 -10.01
N ILE A 253 -11.46 -8.01 -8.95
CA ILE A 253 -12.15 -6.94 -8.29
C ILE A 253 -11.13 -6.02 -7.61
N LEU A 254 -10.21 -6.65 -6.88
CA LEU A 254 -9.31 -5.97 -5.97
C LEU A 254 -8.27 -5.10 -6.73
N LEU A 255 -7.78 -5.54 -7.89
CA LEU A 255 -6.80 -4.72 -8.63
C LEU A 255 -7.51 -3.49 -9.18
N GLU A 256 -8.79 -3.64 -9.49
CA GLU A 256 -9.57 -2.47 -9.97
C GLU A 256 -9.81 -1.45 -8.85
N MET A 257 -10.05 -1.93 -7.64
CA MET A 257 -10.23 -1.07 -6.52
C MET A 257 -8.93 -0.31 -6.27
N GLY A 258 -7.83 -1.02 -6.40
CA GLY A 258 -6.50 -0.46 -6.20
C GLY A 258 -6.20 0.67 -7.17
N GLU A 259 -6.61 0.51 -8.42
CA GLU A 259 -6.42 1.51 -9.44
C GLU A 259 -7.18 2.78 -9.01
N PHE A 260 -8.45 2.63 -8.62
CA PHE A 260 -9.24 3.77 -8.18
C PHE A 260 -8.60 4.43 -6.95
N PHE A 261 -8.18 3.62 -5.99
CA PHE A 261 -7.62 4.16 -4.74
C PHE A 261 -6.46 5.12 -5.04
N GLN A 262 -5.54 4.72 -5.91
CA GLN A 262 -4.36 5.49 -6.18
C GLN A 262 -4.72 6.76 -6.97
N ILE A 263 -5.62 6.64 -7.94
CA ILE A 263 -6.09 7.77 -8.73
C ILE A 263 -6.74 8.81 -7.80
N GLN A 264 -7.60 8.36 -6.90
CA GLN A 264 -8.20 9.27 -5.94
C GLN A 264 -7.08 9.91 -5.07
N ASP A 265 -6.12 9.10 -4.66
CA ASP A 265 -4.98 9.62 -3.91
C ASP A 265 -4.26 10.77 -4.65
N ASP A 266 -3.99 10.60 -5.94
CA ASP A 266 -3.32 11.57 -6.77
C ASP A 266 -4.16 12.85 -6.83
N TYR A 267 -5.46 12.67 -7.08
CA TYR A 267 -6.40 13.77 -7.15
C TYR A 267 -6.37 14.59 -5.85
N LEU A 268 -6.55 13.90 -4.74
CA LEU A 268 -6.64 14.54 -3.45
C LEU A 268 -5.34 15.27 -3.08
N ASP A 269 -4.18 14.70 -3.42
CA ASP A 269 -2.86 15.24 -3.08
C ASP A 269 -2.86 16.76 -3.36
N LEU A 270 -3.52 17.18 -4.45
CA LEU A 270 -3.58 18.56 -4.93
C LEU A 270 -4.88 19.24 -4.49
N PHE A 271 -6.03 18.58 -4.69
CA PHE A 271 -7.32 19.22 -4.52
C PHE A 271 -7.97 18.85 -3.18
N GLY A 272 -7.34 17.98 -2.40
CA GLY A 272 -7.85 17.62 -1.10
C GLY A 272 -7.78 18.80 -0.16
N ASP A 273 -8.72 18.89 0.77
CA ASP A 273 -8.64 19.79 1.89
C ASP A 273 -7.48 19.27 2.76
N PRO A 274 -6.34 19.99 2.88
CA PRO A 274 -5.22 19.47 3.67
C PRO A 274 -5.55 19.24 5.15
N SER A 275 -6.56 19.96 5.68
CA SER A 275 -6.98 19.82 7.11
C SER A 275 -8.06 18.73 7.29
N VAL A 276 -8.46 18.05 6.20
CA VAL A 276 -9.29 16.84 6.23
C VAL A 276 -8.38 15.63 5.96
N THR A 277 -7.71 15.63 4.80
CA THR A 277 -6.75 14.59 4.39
C THR A 277 -5.61 14.44 5.41
N GLY A 278 -5.35 15.51 6.21
CA GLY A 278 -4.20 15.60 7.12
C GLY A 278 -2.87 15.59 6.36
N LYS A 279 -2.91 15.87 5.06
CA LYS A 279 -1.77 15.66 4.15
C LYS A 279 -1.61 16.92 3.28
N ILE A 280 -0.38 17.39 3.16
CA ILE A 280 -0.13 18.51 2.27
C ILE A 280 0.55 17.94 1.00
N GLY A 281 -0.05 18.22 -0.16
CA GLY A 281 0.36 17.59 -1.42
C GLY A 281 1.67 18.13 -1.95
N THR A 282 2.54 17.24 -2.45
CA THR A 282 3.87 17.61 -2.94
C THR A 282 4.18 17.02 -4.32
N ASP A 283 3.24 16.27 -4.91
CA ASP A 283 3.46 15.57 -6.20
C ASP A 283 4.04 16.54 -7.24
N ILE A 284 3.53 17.76 -7.25
CA ILE A 284 3.79 18.74 -8.30
C ILE A 284 5.28 19.13 -8.32
N GLN A 285 5.78 19.65 -7.21
CA GLN A 285 7.19 19.99 -7.13
C GLN A 285 8.08 18.72 -7.01
N ASP A 286 7.72 17.58 -7.63
CA ASP A 286 8.47 16.30 -7.51
C ASP A 286 8.50 15.45 -8.80
N ASN A 287 7.82 15.84 -9.89
CA ASN A 287 7.90 15.18 -11.25
C ASN A 287 7.34 13.75 -11.30
N LYS A 288 6.14 13.56 -10.70
CA LYS A 288 5.57 12.26 -10.45
C LYS A 288 4.63 11.88 -11.59
N CYS A 289 4.57 10.58 -11.90
CA CYS A 289 3.55 10.06 -12.81
C CYS A 289 2.22 10.02 -12.02
N SER A 290 1.71 11.20 -11.60
CA SER A 290 0.34 11.42 -11.07
C SER A 290 -0.71 11.13 -12.16
N TRP A 291 -1.90 10.64 -11.78
CA TRP A 291 -3.03 10.58 -12.68
C TRP A 291 -3.33 11.97 -13.28
N LEU A 292 -3.17 13.03 -12.51
CA LEU A 292 -3.52 14.36 -13.01
C LEU A 292 -2.66 14.72 -14.23
N VAL A 293 -1.35 14.44 -14.14
CA VAL A 293 -0.40 14.68 -15.22
C VAL A 293 -0.80 13.91 -16.49
N VAL A 294 -1.19 12.66 -16.32
CA VAL A 294 -1.57 11.78 -17.43
C VAL A 294 -2.79 12.36 -18.18
N GLN A 295 -3.77 12.86 -17.43
CA GLN A 295 -5.00 13.39 -18.02
C GLN A 295 -4.67 14.74 -18.66
N CYS A 296 -3.88 15.55 -17.94
CA CYS A 296 -3.41 16.83 -18.43
C CYS A 296 -2.72 16.69 -19.78
N LEU A 297 -1.75 15.77 -19.89
CA LEU A 297 -1.03 15.55 -21.15
C LEU A 297 -2.00 15.06 -22.23
N GLN A 298 -3.01 14.27 -21.89
CA GLN A 298 -3.98 13.82 -22.90
C GLN A 298 -4.81 14.98 -23.48
N ARG A 299 -5.00 16.05 -22.69
CA ARG A 299 -6.01 17.04 -22.96
C ARG A 299 -5.37 18.36 -23.40
N ALA A 300 -4.02 18.42 -23.42
CA ALA A 300 -3.29 19.68 -23.54
C ALA A 300 -3.07 20.04 -25.02
N THR A 301 -3.11 21.35 -25.31
CA THR A 301 -2.59 21.90 -26.55
C THR A 301 -1.06 21.85 -26.50
N PRO A 302 -0.36 22.04 -27.63
CA PRO A 302 1.10 22.27 -27.60
C PRO A 302 1.49 23.39 -26.61
N GLU A 303 0.80 24.54 -26.67
CA GLU A 303 1.04 25.69 -25.78
C GLU A 303 0.98 25.23 -24.31
N GLN A 304 -0.01 24.41 -23.96
CA GLN A 304 -0.24 23.97 -22.54
C GLN A 304 0.84 22.98 -22.04
N TYR A 305 1.25 22.05 -22.92
CA TYR A 305 2.39 21.15 -22.72
C TYR A 305 3.64 21.90 -22.24
N GLN A 306 3.89 23.10 -22.81
CA GLN A 306 5.06 23.95 -22.49
C GLN A 306 4.92 24.53 -21.07
N ILE A 307 3.71 24.99 -20.72
CA ILE A 307 3.43 25.58 -19.40
C ILE A 307 3.65 24.51 -18.31
N LEU A 308 3.38 23.26 -18.68
CA LEU A 308 3.58 22.12 -17.80
C LEU A 308 5.07 21.81 -17.74
N LYS A 309 5.71 21.81 -18.92
CA LYS A 309 7.14 21.60 -19.03
C LYS A 309 7.84 22.56 -18.07
N GLU A 310 7.43 23.84 -18.07
CA GLU A 310 8.17 24.91 -17.37
C GLU A 310 7.90 24.90 -15.84
N ASN A 311 6.79 24.32 -15.37
CA ASN A 311 6.37 24.53 -13.96
C ASN A 311 6.35 23.23 -13.14
N TYR A 312 6.17 22.09 -13.81
CA TYR A 312 6.11 20.84 -13.10
C TYR A 312 7.50 20.58 -12.50
N GLY A 313 7.59 20.64 -11.17
CA GLY A 313 8.80 20.20 -10.46
C GLY A 313 9.69 21.36 -9.99
N GLN A 314 9.31 22.60 -10.26
CA GLN A 314 10.00 23.69 -9.57
C GLN A 314 9.34 23.79 -8.18
N LYS A 315 10.15 24.16 -7.19
CA LYS A 315 9.71 24.14 -5.79
C LYS A 315 9.13 25.52 -5.44
N GLU A 316 9.35 26.54 -6.28
CA GLU A 316 8.67 27.85 -6.20
C GLU A 316 7.16 27.63 -6.27
N ALA A 317 6.40 28.37 -5.43
CA ALA A 317 4.94 28.16 -5.25
C ALA A 317 4.12 28.90 -6.32
N GLU A 318 4.70 29.95 -6.92
CA GLU A 318 4.15 30.61 -8.10
C GLU A 318 4.07 29.59 -9.25
N LYS A 319 5.09 28.73 -9.35
CA LYS A 319 5.17 27.72 -10.40
C LYS A 319 4.18 26.59 -10.10
N VAL A 320 4.08 26.22 -8.82
CA VAL A 320 3.15 25.17 -8.38
C VAL A 320 1.70 25.67 -8.56
N ALA A 321 1.50 26.97 -8.35
CA ALA A 321 0.19 27.62 -8.55
C ALA A 321 -0.24 27.40 -10.03
N ARG A 322 0.80 27.63 -10.91
CA ARG A 322 0.62 27.61 -12.37
C ARG A 322 0.01 26.27 -12.80
N VAL A 323 0.66 25.17 -12.42
CA VAL A 323 0.27 23.81 -12.85
C VAL A 323 -1.19 23.56 -12.45
N LYS A 324 -1.47 23.82 -11.17
CA LYS A 324 -2.79 23.68 -10.62
C LYS A 324 -3.81 24.44 -11.47
N ALA A 325 -3.48 25.71 -11.77
CA ALA A 325 -4.34 26.58 -12.53
C ALA A 325 -4.64 25.92 -13.88
N LEU A 326 -3.61 25.33 -14.51
CA LEU A 326 -3.79 24.68 -15.80
C LEU A 326 -4.65 23.42 -15.67
N TYR A 327 -4.55 22.72 -14.54
CA TYR A 327 -5.38 21.52 -14.30
C TYR A 327 -6.84 21.96 -14.22
N GLU A 328 -7.10 23.09 -13.55
CA GLU A 328 -8.48 23.60 -13.42
C GLU A 328 -9.00 24.00 -14.80
N GLU A 329 -8.17 24.67 -15.59
CA GLU A 329 -8.51 25.15 -16.90
C GLU A 329 -8.97 23.97 -17.78
N LEU A 330 -8.38 22.79 -17.59
CA LEU A 330 -8.80 21.62 -18.36
C LEU A 330 -9.87 20.85 -17.59
N ASP A 331 -10.34 21.40 -16.47
CA ASP A 331 -11.40 20.77 -15.64
C ASP A 331 -11.08 19.31 -15.33
N LEU A 332 -9.92 19.10 -14.71
CA LEU A 332 -9.60 17.79 -14.26
C LEU A 332 -10.44 17.44 -13.02
N PRO A 333 -10.87 18.42 -12.17
CA PRO A 333 -11.77 18.05 -11.06
C PRO A 333 -13.07 17.40 -11.57
N ALA A 334 -13.53 17.78 -12.76
CA ALA A 334 -14.76 17.25 -13.38
C ALA A 334 -14.47 15.89 -14.04
N VAL A 335 -13.32 15.76 -14.68
CA VAL A 335 -12.89 14.48 -15.26
C VAL A 335 -12.80 13.43 -14.14
N PHE A 336 -12.19 13.84 -13.03
CA PHE A 336 -12.07 12.97 -11.87
C PHE A 336 -13.47 12.57 -11.36
N LEU A 337 -14.36 13.54 -11.18
CA LEU A 337 -15.66 13.26 -10.53
C LEU A 337 -16.43 12.25 -11.40
N GLN A 338 -16.36 12.45 -12.72
CA GLN A 338 -16.89 11.54 -13.69
C GLN A 338 -16.22 10.16 -13.55
N TYR A 339 -14.86 10.13 -13.54
CA TYR A 339 -14.10 8.88 -13.40
C TYR A 339 -14.56 8.13 -12.15
N GLU A 340 -14.77 8.85 -11.06
CA GLU A 340 -15.08 8.21 -9.81
C GLU A 340 -16.45 7.49 -9.89
N GLU A 341 -17.40 8.16 -10.55
CA GLU A 341 -18.75 7.63 -10.73
C GLU A 341 -18.73 6.38 -11.61
N ASP A 342 -18.02 6.46 -12.74
CA ASP A 342 -17.90 5.33 -13.62
C ASP A 342 -17.23 4.18 -12.86
N SER A 343 -16.19 4.50 -12.09
CA SER A 343 -15.40 3.51 -11.36
C SER A 343 -16.26 2.81 -10.31
N TYR A 344 -17.15 3.56 -9.66
CA TYR A 344 -18.03 2.96 -8.69
C TYR A 344 -18.97 1.95 -9.39
N SER A 345 -19.59 2.36 -10.50
CA SER A 345 -20.45 1.49 -11.26
C SER A 345 -19.71 0.20 -11.60
N HIS A 346 -18.48 0.38 -12.12
CA HIS A 346 -17.69 -0.74 -12.63
C HIS A 346 -17.41 -1.70 -11.47
N ILE A 347 -17.00 -1.17 -10.32
CA ILE A 347 -16.66 -2.03 -9.22
C ILE A 347 -17.88 -2.84 -8.76
N MET A 348 -19.05 -2.21 -8.64
CA MET A 348 -20.26 -2.92 -8.18
C MET A 348 -20.59 -4.08 -9.17
N ALA A 349 -20.46 -3.79 -10.47
CA ALA A 349 -20.58 -4.81 -11.53
C ALA A 349 -19.55 -5.94 -11.31
N LEU A 350 -18.30 -5.61 -10.93
CA LEU A 350 -17.35 -6.65 -10.79
C LEU A 350 -17.74 -7.55 -9.60
N ILE A 351 -18.21 -6.90 -8.52
CA ILE A 351 -18.58 -7.60 -7.31
C ILE A 351 -19.72 -8.56 -7.64
N GLU A 352 -20.68 -8.07 -8.42
CA GLU A 352 -21.84 -8.86 -8.84
C GLU A 352 -21.35 -10.08 -9.62
N GLN A 353 -20.51 -9.87 -10.63
CA GLN A 353 -20.07 -10.95 -11.48
C GLN A 353 -19.09 -11.90 -10.75
N TYR A 354 -18.19 -11.42 -9.87
CA TYR A 354 -16.99 -12.20 -9.51
C TYR A 354 -16.85 -12.49 -8.02
N ALA A 355 -17.73 -11.96 -7.19
CA ALA A 355 -17.60 -12.16 -5.75
C ALA A 355 -17.79 -13.64 -5.37
N ALA A 356 -18.88 -14.23 -5.85
CA ALA A 356 -19.36 -15.56 -5.43
C ALA A 356 -18.25 -16.59 -5.67
N PRO A 357 -18.00 -17.43 -4.67
CA PRO A 357 -18.95 -17.64 -3.59
C PRO A 357 -18.52 -16.93 -2.30
N LEU A 358 -17.58 -15.98 -2.35
CA LEU A 358 -17.32 -15.17 -1.18
C LEU A 358 -18.51 -14.23 -0.94
N PRO A 359 -18.73 -13.86 0.34
CA PRO A 359 -19.78 -12.92 0.71
C PRO A 359 -19.45 -11.54 0.09
N PRO A 360 -20.38 -10.94 -0.66
CA PRO A 360 -20.14 -9.62 -1.25
C PRO A 360 -19.63 -8.61 -0.22
N ALA A 361 -20.04 -8.74 1.03
CA ALA A 361 -19.60 -7.83 2.06
C ALA A 361 -18.06 -7.73 2.19
N VAL A 362 -17.31 -8.76 1.79
CA VAL A 362 -15.86 -8.72 1.94
C VAL A 362 -15.35 -7.58 1.07
N PHE A 363 -15.88 -7.48 -0.16
CA PHE A 363 -15.49 -6.51 -1.10
C PHE A 363 -16.18 -5.18 -0.80
N LEU A 364 -17.43 -5.21 -0.40
CA LEU A 364 -18.18 -3.97 -0.21
C LEU A 364 -17.61 -3.18 0.97
N GLY A 365 -17.14 -3.87 2.01
CA GLY A 365 -16.57 -3.20 3.16
C GLY A 365 -15.34 -2.40 2.69
N LEU A 366 -14.59 -2.93 1.73
CA LEU A 366 -13.41 -2.19 1.18
C LEU A 366 -13.86 -1.02 0.32
N ALA A 367 -14.83 -1.26 -0.54
CA ALA A 367 -15.32 -0.23 -1.40
C ALA A 367 -15.83 0.98 -0.57
N ARG A 368 -16.44 0.73 0.59
CA ARG A 368 -16.95 1.77 1.38
C ARG A 368 -15.79 2.56 2.02
N LYS A 369 -14.68 1.92 2.37
CA LYS A 369 -13.51 2.61 2.93
C LYS A 369 -12.88 3.58 1.89
N ILE A 370 -13.11 3.42 0.59
CA ILE A 370 -12.34 4.18 -0.39
C ILE A 370 -13.21 5.06 -1.35
N TYR A 371 -14.53 4.87 -1.38
CA TYR A 371 -15.45 5.76 -2.08
C TYR A 371 -16.14 6.64 -1.00
N LYS A 372 -16.37 7.93 -1.24
CA LYS A 372 -17.07 8.80 -0.23
C LYS A 372 -18.27 9.48 -0.87
C1 GOL B . 12.40 -17.69 8.32
O1 GOL B . 13.66 -17.08 8.50
C2 GOL B . 12.67 -19.12 7.91
O2 GOL B . 13.39 -19.75 8.97
C3 GOL B . 11.36 -19.79 7.64
O3 GOL B . 10.95 -19.62 6.29
C5 KFA C . -8.12 5.40 4.02
C6 KFA C . -6.79 5.71 3.94
N1 KFA C . -6.30 6.93 4.27
C2 KFA C . -7.15 7.96 4.73
N3 KFA C . -8.50 7.66 4.82
C4 KFA C . -8.93 6.40 4.48
CAP KFA C . -8.33 1.07 3.12
CAQ KFA C . -8.19 -0.28 2.77
CAR KFA C . -7.04 -0.75 2.14
CAW KFA C . -6.94 -2.11 1.81
CAS KFA C . -6.00 0.15 1.85
CAT KFA C . -6.13 1.52 2.20
CAO KFA C . -7.30 2.01 2.83
CAM KFA C . -7.38 3.34 3.21
SAN KFA C . -5.98 4.36 3.38
CAL KFA C . -8.45 4.09 3.64
NAB KFA C . -10.24 6.11 4.56
CAC KFA C . -11.26 7.13 4.88
PAA KFA C . -12.41 6.33 6.16
OAE KFA C . -11.49 6.15 7.54
OAU KFA C . -12.65 4.81 5.64
OAD KFA C . -13.69 7.08 6.30
CAV KFA C . -11.93 7.65 3.58
CAX KFA C . -10.93 8.13 2.66
CAY KFA C . -10.27 7.25 1.75
CAZ KFA C . -9.28 7.69 0.86
CBA KFA C . -8.93 9.03 0.87
CBB KFA C . -9.57 9.91 1.75
CBC KFA C . -10.56 9.48 2.64
P PO4 D . 0.25 4.09 5.97
O1 PO4 D . 1.44 4.87 6.53
O2 PO4 D . 0.29 2.65 6.42
O3 PO4 D . -1.11 4.53 6.52
O4 PO4 D . 0.36 4.19 4.44
#